data_1YBH
#
_entry.id   1YBH
#
_cell.length_a   178.518
_cell.length_b   178.518
_cell.length_c   184.776
_cell.angle_alpha   90.00
_cell.angle_beta   90.00
_cell.angle_gamma   120.00
#
_symmetry.space_group_name_H-M   'P 64 2 2'
#
loop_
_entity.id
_entity.type
_entity.pdbx_description
1 polymer 'Acetolactate synthase, chloroplast'
2 non-polymer 'MAGNESIUM ION'
3 non-polymer '2-[[[[(4-CHLORO-6-METHOXY-2-PYRIMIDINYL)AMINO]CARBONYL]AMINO]SULFONYL]BENZOIC ACID ETHYL ESTER'
4 non-polymer '2-[N-CYCLOHEXYLAMINO]ETHANE SULFONIC ACID'
5 non-polymer 'FLAVIN-ADENINE DINUCLEOTIDE'
6 non-polymer 'ETHYL DIHYDROGEN DIPHOSPHATE'
7 water water
#
_entity_poly.entity_id   1
_entity_poly.type   'polypeptide(L)'
_entity_poly.pdbx_seq_one_letter_code
;TFISRFAPDQPRKGADILVEALERQGVETVFAYPGGASMEIHQALTRSSSIRNVLPRHEQGGVFAAEGYARSSGKPGICI
ATSGPGATNLVSGLADALLDSVPLVAITGQVPRRMIGTDAFQETPIVEVTRSITKHNYLVMDVEDIPRIIEEAFFLATSG
RPGPVLVDVPKDIQQQLAIPNWEQAMRLPGYMSRMPKPPEDSHLEQIVRLISESKKPVLYVGGGCLNSSDELGRFVELTG
IPVASTLMGLGSYP(CSD)DDELSLHMLGMHGTVYANYAVEHSDLLLAFGVRFDDRVTGKLEAFASRAKIVHIDIDSAEI
GKNKTPHVSVCGDVKLALQGMNKVLENRAEELKLDFGVWRNELNVQKQKFPLSFKTFGEAIPPQYAIKVLDELTDGKAII
STGVGQHQMWAAQFYNYKKPRQWLSSGGLGAMGFGLPAAIGASVANPDAIVVDIDGDGSFIMNVQELATIRVENLPVKVL
LLNNQHLGMVMQWEDRFYKANRAHTFLGDPAQEDEIFPNMLLFAAACGIPAARVTKKADLREAIQTMLDTPGPYLLDVIC
PHQEHVLPMIPSGGTFNDVITEGDGRLEHHHHHH
;
_entity_poly.pdbx_strand_id   A
#
loop_
_chem_comp.id
_chem_comp.type
_chem_comp.name
_chem_comp.formula
CIE non-polymer '2-[[[[(4-CHLORO-6-METHOXY-2-PYRIMIDINYL)AMINO]CARBONYL]AMINO]SULFONYL]BENZOIC ACID ETHYL ESTER' 'C15 H15 Cl N4 O6 S'
FAD non-polymer 'FLAVIN-ADENINE DINUCLEOTIDE' 'C27 H33 N9 O15 P2'
MG non-polymer 'MAGNESIUM ION' 'Mg 2'
NHE non-polymer '2-[N-CYCLOHEXYLAMINO]ETHANE SULFONIC ACID' 'C8 H17 N O3 S'
P22 non-polymer 'ETHYL DIHYDROGEN DIPHOSPHATE' 'C2 H8 O7 P2'
#
# COMPACT_ATOMS: atom_id res chain seq x y z
N THR A 1 33.82 -5.12 -5.53
CA THR A 1 33.09 -3.81 -5.54
C THR A 1 32.67 -3.39 -4.14
N PHE A 2 32.00 -4.29 -3.41
CA PHE A 2 31.56 -4.00 -2.05
C PHE A 2 32.72 -4.05 -1.07
N ILE A 3 32.91 -2.98 -0.31
CA ILE A 3 33.99 -2.93 0.67
C ILE A 3 33.43 -3.25 2.06
N SER A 4 34.11 -4.45 2.47
CA SER A 4 33.77 -4.93 3.81
C SER A 4 34.54 -4.13 4.86
N ARG A 5 34.17 -4.31 6.13
CA ARG A 5 34.86 -3.62 7.21
C ARG A 5 35.70 -4.64 7.94
N PHE A 6 35.68 -5.87 7.44
CA PHE A 6 36.44 -6.97 8.04
C PHE A 6 37.33 -7.66 7.01
N ALA A 7 38.43 -8.23 7.50
CA ALA A 7 39.36 -8.93 6.62
C ALA A 7 38.69 -10.22 6.14
N PRO A 8 38.92 -10.61 4.88
CA PRO A 8 38.33 -11.82 4.31
C PRO A 8 38.64 -13.09 5.10
N ASP A 9 39.53 -12.97 6.07
CA ASP A 9 39.92 -14.11 6.89
C ASP A 9 39.70 -13.82 8.36
N GLN A 10 39.12 -12.66 8.64
CA GLN A 10 38.87 -12.24 10.01
C GLN A 10 37.50 -12.68 10.52
N PRO A 11 37.47 -13.46 11.61
CA PRO A 11 36.20 -13.93 12.16
C PRO A 11 35.49 -12.79 12.88
N ARG A 12 34.17 -12.75 12.79
CA ARG A 12 33.39 -11.73 13.48
C ARG A 12 32.01 -12.26 13.87
N LYS A 13 31.33 -11.51 14.73
CA LYS A 13 30.00 -11.91 15.19
C LYS A 13 28.99 -12.13 14.09
N GLY A 14 28.05 -13.03 14.35
CA GLY A 14 27.01 -13.32 13.39
C GLY A 14 26.20 -12.05 13.16
N ALA A 15 26.08 -11.24 14.22
CA ALA A 15 25.35 -9.99 14.14
C ALA A 15 25.99 -9.12 13.05
N ASP A 16 27.32 -9.04 13.06
CA ASP A 16 28.05 -8.24 12.07
C ASP A 16 27.93 -8.86 10.68
N ILE A 17 27.80 -10.19 10.64
CA ILE A 17 27.66 -10.86 9.35
C ILE A 17 26.27 -10.54 8.80
N LEU A 18 25.29 -10.45 9.69
CA LEU A 18 23.92 -10.13 9.28
C LEU A 18 23.86 -8.69 8.76
N VAL A 19 24.45 -7.75 9.50
CA VAL A 19 24.44 -6.36 9.05
C VAL A 19 25.14 -6.22 7.68
N GLU A 20 26.28 -6.89 7.51
CA GLU A 20 26.97 -6.81 6.22
C GLU A 20 26.12 -7.46 5.14
N ALA A 21 25.40 -8.51 5.52
CA ALA A 21 24.54 -9.20 4.57
C ALA A 21 23.51 -8.21 4.01
N LEU A 22 23.09 -7.28 4.87
CA LEU A 22 22.12 -6.26 4.46
C LEU A 22 22.78 -5.23 3.56
N GLU A 23 23.98 -4.78 3.95
CA GLU A 23 24.73 -3.81 3.16
C GLU A 23 24.96 -4.37 1.77
N ARG A 24 25.33 -5.65 1.69
CA ARG A 24 25.57 -6.29 0.40
C ARG A 24 24.29 -6.38 -0.43
N GLN A 25 23.15 -6.26 0.23
CA GLN A 25 21.87 -6.31 -0.49
C GLN A 25 21.46 -4.92 -0.93
N GLY A 26 22.26 -3.92 -0.55
CA GLY A 26 21.98 -2.56 -0.94
C GLY A 26 21.10 -1.81 0.03
N VAL A 27 20.86 -2.39 1.21
CA VAL A 27 20.03 -1.76 2.23
C VAL A 27 20.70 -0.50 2.77
N GLU A 28 19.92 0.58 2.88
CA GLU A 28 20.44 1.85 3.39
C GLU A 28 19.63 2.31 4.60
N THR A 29 18.44 1.75 4.76
CA THR A 29 17.57 2.13 5.86
C THR A 29 16.85 0.95 6.49
N VAL A 30 16.80 0.94 7.83
CA VAL A 30 16.08 -0.10 8.54
C VAL A 30 15.27 0.61 9.62
N PHE A 31 14.23 -0.05 10.12
CA PHE A 31 13.41 0.51 11.18
C PHE A 31 13.51 -0.50 12.31
N ALA A 32 14.32 -0.18 13.30
CA ALA A 32 14.56 -1.10 14.38
C ALA A 32 14.44 -0.53 15.79
N TYR A 33 13.72 -1.26 16.63
CA TYR A 33 13.49 -0.91 18.02
C TYR A 33 14.25 -1.97 18.83
N PRO A 34 15.29 -1.56 19.55
CA PRO A 34 16.12 -2.43 20.37
C PRO A 34 15.44 -3.15 21.51
N GLY A 35 15.91 -4.37 21.77
CA GLY A 35 15.41 -5.20 22.84
C GLY A 35 16.54 -6.14 23.24
N GLY A 36 16.40 -6.81 24.39
CA GLY A 36 17.44 -7.70 24.86
C GLY A 36 17.94 -8.76 23.88
N ALA A 37 17.03 -9.41 23.18
CA ALA A 37 17.40 -10.46 22.25
C ALA A 37 17.98 -9.95 20.93
N SER A 38 17.92 -8.65 20.69
CA SER A 38 18.45 -8.10 19.44
C SER A 38 19.57 -7.07 19.66
N MET A 39 20.02 -6.91 20.90
CA MET A 39 21.07 -5.95 21.22
C MET A 39 22.31 -6.09 20.34
N GLU A 40 22.75 -7.32 20.12
CA GLU A 40 23.93 -7.55 19.29
C GLU A 40 23.70 -6.96 17.90
N ILE A 41 22.53 -7.19 17.34
CA ILE A 41 22.23 -6.66 16.01
C ILE A 41 22.30 -5.15 16.01
N HIS A 42 21.78 -4.53 17.07
CA HIS A 42 21.81 -3.07 17.15
C HIS A 42 23.25 -2.56 17.29
N GLN A 43 24.06 -3.26 18.08
CA GLN A 43 25.46 -2.86 18.25
C GLN A 43 26.17 -2.90 16.89
N ALA A 44 25.96 -3.99 16.14
CA ALA A 44 26.59 -4.15 14.83
C ALA A 44 26.09 -3.07 13.87
N LEU A 45 24.87 -2.63 14.08
CA LEU A 45 24.28 -1.62 13.24
C LEU A 45 25.02 -0.29 13.38
N THR A 46 25.42 0.06 14.60
CA THR A 46 26.13 1.31 14.83
C THR A 46 27.52 1.31 14.21
N ARG A 47 28.03 0.14 13.85
CA ARG A 47 29.36 0.07 13.24
C ARG A 47 29.25 0.25 11.74
N SER A 48 28.02 0.15 11.23
CA SER A 48 27.78 0.33 9.80
C SER A 48 27.76 1.81 9.54
N SER A 49 28.29 2.22 8.41
CA SER A 49 28.30 3.64 8.08
C SER A 49 27.36 3.91 6.91
N SER A 50 26.88 2.83 6.28
CA SER A 50 25.99 2.98 5.14
C SER A 50 24.52 2.78 5.49
N ILE A 51 24.24 2.14 6.62
CA ILE A 51 22.86 1.90 7.00
C ILE A 51 22.40 2.80 8.12
N ARG A 52 21.30 3.51 7.89
CA ARG A 52 20.76 4.38 8.92
C ARG A 52 19.54 3.71 9.55
N ASN A 53 19.37 3.90 10.86
CA ASN A 53 18.24 3.33 11.56
C ASN A 53 17.28 4.40 12.01
N VAL A 54 16.00 4.19 11.75
CA VAL A 54 14.96 5.10 12.19
C VAL A 54 14.30 4.37 13.34
N LEU A 55 14.56 4.84 14.56
CA LEU A 55 13.97 4.24 15.75
C LEU A 55 12.53 4.66 15.95
N PRO A 56 11.58 3.74 15.76
CA PRO A 56 10.17 4.10 15.94
C PRO A 56 9.86 4.09 17.44
N ARG A 57 8.61 4.37 17.80
CA ARG A 57 8.22 4.36 19.21
C ARG A 57 7.40 3.12 19.55
N HIS A 58 7.10 2.33 18.51
CA HIS A 58 6.37 1.10 18.66
C HIS A 58 6.71 0.23 17.44
N GLU A 59 6.92 -1.06 17.69
CA GLU A 59 7.28 -2.03 16.65
C GLU A 59 6.31 -1.99 15.47
N GLN A 60 5.04 -1.72 15.76
CA GLN A 60 4.04 -1.66 14.70
C GLN A 60 4.33 -0.42 13.84
N GLY A 61 4.88 0.60 14.48
CA GLY A 61 5.25 1.81 13.75
C GLY A 61 6.41 1.41 12.83
N GLY A 62 7.29 0.57 13.37
CA GLY A 62 8.43 0.09 12.60
C GLY A 62 8.02 -0.61 11.31
N VAL A 63 7.16 -1.64 11.41
CA VAL A 63 6.72 -2.36 10.22
C VAL A 63 6.01 -1.46 9.23
N PHE A 64 5.01 -0.72 9.70
CA PHE A 64 4.25 0.17 8.85
C PHE A 64 5.18 1.19 8.16
N ALA A 65 6.20 1.67 8.87
CA ALA A 65 7.14 2.60 8.27
C ALA A 65 7.89 1.87 7.15
N ALA A 66 8.32 0.64 7.44
CA ALA A 66 9.03 -0.18 6.46
C ALA A 66 8.14 -0.40 5.23
N GLU A 67 6.84 -0.58 5.46
CA GLU A 67 5.91 -0.77 4.36
C GLU A 67 5.84 0.51 3.52
N GLY A 68 5.69 1.64 4.21
CA GLY A 68 5.61 2.94 3.55
C GLY A 68 6.84 3.14 2.68
N TYR A 69 7.99 2.79 3.25
CA TYR A 69 9.27 2.88 2.59
C TYR A 69 9.20 2.06 1.30
N ALA A 70 8.82 0.79 1.45
CA ALA A 70 8.71 -0.12 0.31
C ALA A 70 7.69 0.36 -0.73
N ARG A 71 6.47 0.64 -0.27
CA ARG A 71 5.39 1.09 -1.14
C ARG A 71 5.71 2.35 -1.93
N SER A 72 6.50 3.24 -1.35
CA SER A 72 6.82 4.50 -2.02
C SER A 72 8.10 4.47 -2.86
N SER A 73 8.87 3.40 -2.76
CA SER A 73 10.13 3.30 -3.49
C SER A 73 10.28 2.13 -4.43
N GLY A 74 9.61 1.02 -4.13
CA GLY A 74 9.75 -0.15 -4.98
C GLY A 74 10.89 -1.01 -4.46
N LYS A 75 11.46 -0.61 -3.33
CA LYS A 75 12.54 -1.36 -2.69
C LYS A 75 11.94 -2.13 -1.53
N PRO A 76 12.64 -3.14 -1.02
CA PRO A 76 12.03 -3.85 0.11
C PRO A 76 12.16 -3.00 1.38
N GLY A 77 11.20 -3.12 2.27
CA GLY A 77 11.26 -2.37 3.52
C GLY A 77 11.85 -3.30 4.56
N ILE A 78 12.73 -2.78 5.40
CA ILE A 78 13.37 -3.61 6.41
C ILE A 78 13.11 -3.17 7.84
N CYS A 79 12.53 -4.05 8.64
CA CYS A 79 12.28 -3.72 10.04
C CYS A 79 12.92 -4.81 10.88
N ILE A 80 13.39 -4.42 12.07
CA ILE A 80 14.04 -5.34 12.98
C ILE A 80 13.41 -5.18 14.36
N ALA A 81 13.16 -6.30 15.04
CA ALA A 81 12.57 -6.25 16.35
C ALA A 81 13.22 -7.27 17.27
N THR A 82 13.05 -7.10 18.57
CA THR A 82 13.61 -8.03 19.51
C THR A 82 12.66 -9.22 19.61
N SER A 83 12.96 -10.18 20.48
CA SER A 83 12.12 -11.35 20.63
C SER A 83 10.80 -11.08 21.35
N GLY A 84 10.01 -12.13 21.46
CA GLY A 84 8.74 -12.06 22.15
C GLY A 84 7.80 -10.92 21.80
N PRO A 85 7.56 -10.01 22.75
CA PRO A 85 6.67 -8.87 22.52
C PRO A 85 7.11 -8.01 21.34
N GLY A 86 8.41 -7.96 21.10
CA GLY A 86 8.90 -7.19 19.99
C GLY A 86 8.35 -7.81 18.72
N ALA A 87 8.60 -9.11 18.56
CA ALA A 87 8.15 -9.86 17.40
C ALA A 87 6.63 -9.87 17.22
N THR A 88 5.88 -10.19 18.28
CA THR A 88 4.43 -10.22 18.12
C THR A 88 3.87 -8.87 17.71
N ASN A 89 4.55 -7.78 18.06
CA ASN A 89 4.08 -6.46 17.69
C ASN A 89 4.23 -6.18 16.19
N LEU A 90 4.86 -7.09 15.47
CA LEU A 90 5.05 -6.93 14.03
C LEU A 90 3.90 -7.55 13.24
N VAL A 91 3.25 -8.55 13.85
CA VAL A 91 2.18 -9.29 13.21
C VAL A 91 1.24 -8.55 12.24
N SER A 92 0.56 -7.50 12.70
CA SER A 92 -0.35 -6.77 11.81
C SER A 92 0.37 -6.25 10.56
N GLY A 93 1.62 -5.82 10.72
CA GLY A 93 2.38 -5.32 9.59
C GLY A 93 2.67 -6.44 8.59
N LEU A 94 3.08 -7.59 9.10
CA LEU A 94 3.36 -8.73 8.24
C LEU A 94 2.12 -9.15 7.44
N ALA A 95 0.99 -9.30 8.13
CA ALA A 95 -0.25 -9.69 7.45
C ALA A 95 -0.64 -8.63 6.43
N ASP A 96 -0.41 -7.38 6.77
CA ASP A 96 -0.74 -6.27 5.88
C ASP A 96 0.10 -6.35 4.61
N ALA A 97 1.40 -6.57 4.77
CA ALA A 97 2.31 -6.67 3.64
C ALA A 97 2.00 -7.89 2.77
N LEU A 98 1.55 -8.98 3.38
CA LEU A 98 1.24 -10.17 2.60
C LEU A 98 -0.01 -9.95 1.76
N LEU A 99 -1.04 -9.37 2.35
CA LEU A 99 -2.27 -9.12 1.61
C LEU A 99 -2.12 -8.11 0.48
N ASP A 100 -1.29 -7.09 0.65
CA ASP A 100 -1.11 -6.12 -0.41
C ASP A 100 0.07 -6.42 -1.31
N SER A 101 0.80 -7.49 -1.00
CA SER A 101 1.97 -7.90 -1.79
C SER A 101 3.07 -6.86 -1.77
N VAL A 102 3.48 -6.48 -0.57
CA VAL A 102 4.53 -5.49 -0.36
C VAL A 102 5.84 -6.20 -0.01
N PRO A 103 6.92 -5.94 -0.77
CA PRO A 103 8.21 -6.60 -0.48
C PRO A 103 8.70 -6.14 0.89
N LEU A 104 8.98 -7.07 1.78
CA LEU A 104 9.40 -6.67 3.10
C LEU A 104 10.19 -7.76 3.80
N VAL A 105 11.29 -7.38 4.45
CA VAL A 105 12.10 -8.34 5.17
C VAL A 105 12.12 -7.94 6.64
N ALA A 106 11.58 -8.80 7.49
CA ALA A 106 11.53 -8.52 8.92
C ALA A 106 12.49 -9.44 9.64
N ILE A 107 13.34 -8.86 10.47
CA ILE A 107 14.32 -9.61 11.22
C ILE A 107 14.01 -9.50 12.71
N THR A 108 13.85 -10.63 13.38
CA THR A 108 13.56 -10.62 14.80
C THR A 108 14.60 -11.37 15.60
N GLY A 109 14.94 -10.81 16.76
CA GLY A 109 15.89 -11.48 17.62
C GLY A 109 15.10 -12.60 18.28
N GLN A 110 15.79 -13.63 18.73
CA GLN A 110 15.14 -14.76 19.37
C GLN A 110 16.04 -15.19 20.52
N VAL A 111 15.49 -15.90 21.49
CA VAL A 111 16.29 -16.37 22.62
C VAL A 111 17.33 -17.34 22.08
N PRO A 112 18.35 -17.68 22.88
CA PRO A 112 19.38 -18.61 22.41
C PRO A 112 18.72 -19.93 22.00
N ARG A 113 19.30 -20.61 21.02
CA ARG A 113 18.76 -21.87 20.52
C ARG A 113 18.42 -22.89 21.62
N ARG A 114 19.36 -23.15 22.51
CA ARG A 114 19.13 -24.11 23.59
C ARG A 114 17.92 -23.76 24.45
N MET A 115 17.52 -22.49 24.42
CA MET A 115 16.38 -22.02 25.22
C MET A 115 15.06 -22.12 24.50
N ILE A 116 15.09 -22.29 23.19
CA ILE A 116 13.87 -22.38 22.41
C ILE A 116 12.99 -23.54 22.87
N GLY A 117 11.69 -23.27 22.95
CA GLY A 117 10.74 -24.27 23.39
C GLY A 117 10.69 -24.52 24.89
N THR A 118 11.44 -23.75 25.67
CA THR A 118 11.43 -23.94 27.12
C THR A 118 10.58 -22.91 27.85
N ASP A 119 9.81 -22.12 27.12
CA ASP A 119 9.01 -21.07 27.76
C ASP A 119 9.97 -20.06 28.37
N ALA A 120 11.04 -19.78 27.65
CA ALA A 120 12.07 -18.85 28.09
C ALA A 120 11.59 -17.41 28.19
N PHE A 121 12.43 -16.59 28.81
CA PHE A 121 12.16 -15.18 28.97
C PHE A 121 12.00 -14.52 27.62
N GLN A 122 10.88 -13.81 27.44
CA GLN A 122 10.58 -13.12 26.19
C GLN A 122 10.66 -14.01 24.95
N GLU A 123 10.24 -15.26 25.09
CA GLU A 123 10.25 -16.16 23.94
C GLU A 123 8.86 -16.28 23.33
N THR A 124 8.81 -16.33 22.01
CA THR A 124 7.55 -16.47 21.30
C THR A 124 7.87 -17.31 20.08
N PRO A 125 7.04 -18.31 19.78
CA PRO A 125 7.27 -19.15 18.61
C PRO A 125 6.86 -18.33 17.39
N ILE A 126 7.58 -17.23 17.15
CA ILE A 126 7.26 -16.33 16.06
C ILE A 126 7.20 -16.97 14.68
N VAL A 127 8.07 -17.93 14.41
CA VAL A 127 8.04 -18.59 13.11
C VAL A 127 6.73 -19.37 12.95
N GLU A 128 6.26 -19.99 14.02
CA GLU A 128 5.01 -20.74 13.98
C GLU A 128 3.83 -19.78 13.84
N VAL A 129 3.87 -18.69 14.60
CA VAL A 129 2.82 -17.69 14.58
C VAL A 129 2.64 -16.99 13.24
N THR A 130 3.75 -16.66 12.59
CA THR A 130 3.69 -15.92 11.32
C THR A 130 3.66 -16.73 10.03
N ARG A 131 3.73 -18.05 10.13
CA ARG A 131 3.75 -18.87 8.93
C ARG A 131 2.60 -18.63 7.96
N SER A 132 1.39 -18.40 8.48
CA SER A 132 0.25 -18.17 7.61
C SER A 132 0.09 -16.73 7.16
N ILE A 133 0.93 -15.83 7.67
CA ILE A 133 0.85 -14.42 7.29
C ILE A 133 2.14 -13.83 6.72
N THR A 134 3.00 -14.68 6.18
CA THR A 134 4.23 -14.22 5.55
C THR A 134 4.39 -15.02 4.25
N LYS A 135 5.22 -14.53 3.34
CA LYS A 135 5.42 -15.24 2.08
C LYS A 135 6.24 -16.48 2.42
N HIS A 136 7.15 -16.31 3.38
CA HIS A 136 8.01 -17.38 3.84
C HIS A 136 8.73 -16.83 5.08
N ASN A 137 9.29 -17.71 5.89
CA ASN A 137 10.03 -17.27 7.06
C ASN A 137 11.10 -18.29 7.41
N TYR A 138 12.03 -17.90 8.29
CA TYR A 138 13.14 -18.75 8.68
C TYR A 138 13.52 -18.64 10.15
N LEU A 139 14.12 -19.71 10.66
CA LEU A 139 14.65 -19.73 12.02
C LEU A 139 16.11 -20.12 11.76
N VAL A 140 17.02 -19.18 11.89
CA VAL A 140 18.44 -19.45 11.65
C VAL A 140 18.96 -20.33 12.77
N MET A 141 19.56 -21.46 12.41
CA MET A 141 20.08 -22.39 13.41
C MET A 141 21.59 -22.54 13.39
N ASP A 142 22.26 -21.76 12.55
CA ASP A 142 23.71 -21.82 12.45
C ASP A 142 24.21 -20.51 11.85
N VAL A 143 25.18 -19.90 12.52
CA VAL A 143 25.75 -18.65 12.03
C VAL A 143 26.21 -18.80 10.58
N GLU A 144 26.57 -20.02 10.20
CA GLU A 144 27.01 -20.29 8.84
C GLU A 144 25.93 -20.05 7.79
N ASP A 145 24.67 -20.09 8.21
CA ASP A 145 23.56 -19.89 7.27
C ASP A 145 23.14 -18.46 7.01
N ILE A 146 23.55 -17.53 7.88
CA ILE A 146 23.14 -16.14 7.72
C ILE A 146 23.25 -15.58 6.30
N PRO A 147 24.43 -15.67 5.67
CA PRO A 147 24.53 -15.14 4.31
C PRO A 147 23.48 -15.68 3.34
N ARG A 148 23.31 -17.00 3.32
CA ARG A 148 22.34 -17.63 2.42
C ARG A 148 20.91 -17.23 2.73
N ILE A 149 20.53 -17.31 4.00
CA ILE A 149 19.18 -16.98 4.40
C ILE A 149 18.82 -15.53 4.08
N ILE A 150 19.70 -14.59 4.39
CA ILE A 150 19.41 -13.20 4.08
C ILE A 150 19.26 -13.01 2.56
N GLU A 151 20.12 -13.66 1.78
CA GLU A 151 20.01 -13.52 0.33
C GLU A 151 18.70 -14.11 -0.17
N GLU A 152 18.31 -15.25 0.38
CA GLU A 152 17.06 -15.90 -0.01
C GLU A 152 15.85 -15.07 0.41
N ALA A 153 15.94 -14.48 1.60
CA ALA A 153 14.85 -13.67 2.12
C ALA A 153 14.54 -12.50 1.19
N PHE A 154 15.58 -11.77 0.79
CA PHE A 154 15.39 -10.64 -0.11
C PHE A 154 14.94 -11.10 -1.48
N PHE A 155 15.52 -12.18 -1.98
CA PHE A 155 15.14 -12.71 -3.28
C PHE A 155 13.66 -13.05 -3.28
N LEU A 156 13.24 -13.77 -2.26
CA LEU A 156 11.84 -14.19 -2.16
C LEU A 156 10.91 -13.00 -1.90
N ALA A 157 11.35 -12.07 -1.07
CA ALA A 157 10.53 -10.91 -0.75
C ALA A 157 10.27 -10.01 -1.96
N THR A 158 11.26 -9.89 -2.84
CA THR A 158 11.14 -9.00 -4.00
C THR A 158 10.77 -9.65 -5.34
N SER A 159 11.03 -10.95 -5.49
CA SER A 159 10.73 -11.65 -6.75
C SER A 159 9.28 -12.10 -6.86
N GLY A 160 8.88 -12.50 -8.07
CA GLY A 160 7.51 -12.96 -8.31
C GLY A 160 6.50 -11.99 -7.73
N ARG A 161 5.57 -12.52 -6.93
CA ARG A 161 4.57 -11.67 -6.29
C ARG A 161 5.27 -11.26 -5.00
N PRO A 162 5.57 -9.97 -4.84
CA PRO A 162 6.25 -9.53 -3.62
C PRO A 162 5.47 -9.85 -2.36
N GLY A 163 6.20 -9.96 -1.24
CA GLY A 163 5.58 -10.26 0.03
C GLY A 163 6.59 -10.21 1.16
N PRO A 164 6.14 -10.31 2.42
CA PRO A 164 7.06 -10.27 3.55
C PRO A 164 7.70 -11.60 3.87
N VAL A 165 8.95 -11.54 4.30
CA VAL A 165 9.73 -12.70 4.70
C VAL A 165 10.32 -12.36 6.05
N LEU A 166 10.12 -13.22 7.05
CA LEU A 166 10.63 -12.97 8.38
C LEU A 166 11.79 -13.91 8.68
N VAL A 167 12.83 -13.38 9.29
CA VAL A 167 14.00 -14.16 9.64
C VAL A 167 14.26 -14.06 11.14
N ASP A 168 14.11 -15.19 11.82
CA ASP A 168 14.30 -15.25 13.26
C ASP A 168 15.73 -15.66 13.56
N VAL A 169 16.44 -14.84 14.34
CA VAL A 169 17.84 -15.10 14.67
C VAL A 169 18.15 -15.25 16.17
N PRO A 170 18.46 -16.48 16.60
CA PRO A 170 18.78 -16.72 18.02
C PRO A 170 19.92 -15.84 18.50
N LYS A 171 19.86 -15.42 19.75
CA LYS A 171 20.88 -14.56 20.32
C LYS A 171 22.27 -15.20 20.32
N ASP A 172 22.35 -16.50 20.54
CA ASP A 172 23.64 -17.16 20.54
C ASP A 172 24.29 -17.13 19.16
N ILE A 173 23.49 -17.16 18.11
CA ILE A 173 24.03 -17.11 16.74
C ILE A 173 24.51 -15.70 16.39
N GLN A 174 23.94 -14.69 17.04
CA GLN A 174 24.33 -13.31 16.82
C GLN A 174 25.73 -13.07 17.38
N GLN A 175 26.03 -13.76 18.48
CA GLN A 175 27.32 -13.61 19.17
C GLN A 175 28.39 -14.57 18.70
N GLN A 176 28.00 -15.61 17.98
CA GLN A 176 28.96 -16.59 17.49
C GLN A 176 29.90 -15.98 16.44
N LEU A 177 31.20 -16.19 16.63
CA LEU A 177 32.20 -15.67 15.70
C LEU A 177 32.31 -16.61 14.51
N ALA A 178 32.52 -16.05 13.33
CA ALA A 178 32.66 -16.87 12.13
C ALA A 178 33.12 -16.06 10.93
N ILE A 179 33.54 -16.77 9.88
CA ILE A 179 33.98 -16.13 8.66
C ILE A 179 32.91 -16.43 7.63
N PRO A 180 32.18 -15.39 7.19
CA PRO A 180 31.10 -15.54 6.22
C PRO A 180 31.54 -15.96 4.83
N ASN A 181 30.67 -16.69 4.14
CA ASN A 181 30.92 -17.11 2.77
C ASN A 181 29.81 -16.50 1.94
N TRP A 182 30.14 -15.45 1.19
CA TRP A 182 29.15 -14.78 0.38
C TRP A 182 28.97 -15.41 -0.98
N GLU A 183 29.57 -16.59 -1.18
CA GLU A 183 29.48 -17.28 -2.46
C GLU A 183 28.44 -18.40 -2.50
N GLN A 184 27.88 -18.75 -1.34
CA GLN A 184 26.90 -19.83 -1.26
C GLN A 184 25.68 -19.62 -2.15
N ALA A 185 25.22 -20.71 -2.75
CA ALA A 185 24.06 -20.68 -3.63
C ALA A 185 22.77 -20.77 -2.80
N MET A 186 21.69 -20.23 -3.34
CA MET A 186 20.41 -20.26 -2.65
C MET A 186 19.74 -21.61 -2.84
N ARG A 187 19.00 -22.07 -1.83
CA ARG A 187 18.30 -23.34 -1.91
C ARG A 187 16.83 -23.11 -2.21
N LEU A 188 16.55 -22.55 -3.39
CA LEU A 188 15.18 -22.30 -3.78
C LEU A 188 14.90 -23.01 -5.12
N PRO A 189 15.32 -24.28 -5.25
CA PRO A 189 15.10 -25.03 -6.48
C PRO A 189 13.66 -25.04 -6.95
N GLY A 190 12.74 -25.35 -6.03
CA GLY A 190 11.34 -25.39 -6.39
C GLY A 190 10.77 -24.04 -6.80
N TYR A 191 11.06 -23.01 -6.00
CA TYR A 191 10.57 -21.67 -6.28
C TYR A 191 11.11 -21.12 -7.59
N MET A 192 12.43 -21.22 -7.76
CA MET A 192 13.06 -20.70 -8.98
C MET A 192 12.61 -21.47 -10.20
N SER A 193 12.20 -22.71 -9.98
CA SER A 193 11.72 -23.55 -11.06
C SER A 193 10.33 -23.12 -11.55
N ARG A 194 9.52 -22.58 -10.63
CA ARG A 194 8.17 -22.15 -10.96
C ARG A 194 8.07 -20.68 -11.38
N MET A 195 9.17 -19.95 -11.34
CA MET A 195 9.16 -18.53 -11.73
C MET A 195 8.71 -18.38 -13.18
N PRO A 196 7.67 -17.57 -13.42
CA PRO A 196 7.14 -17.35 -14.77
C PRO A 196 8.21 -16.96 -15.80
N LYS A 197 8.06 -17.49 -17.01
CA LYS A 197 8.98 -17.19 -18.09
C LYS A 197 8.39 -16.01 -18.85
N PRO A 198 9.21 -15.32 -19.65
CA PRO A 198 8.69 -14.17 -20.41
C PRO A 198 7.53 -14.60 -21.31
N PRO A 199 6.48 -13.77 -21.42
CA PRO A 199 5.31 -14.08 -22.24
C PRO A 199 5.59 -14.48 -23.68
N GLU A 200 4.76 -15.38 -24.20
CA GLU A 200 4.88 -15.86 -25.56
C GLU A 200 4.06 -15.01 -26.52
N ASP A 201 4.59 -14.81 -27.72
CA ASP A 201 3.91 -14.01 -28.73
C ASP A 201 2.57 -14.61 -29.10
N SER A 202 2.48 -15.94 -29.08
CA SER A 202 1.24 -16.61 -29.42
C SER A 202 0.14 -16.14 -28.48
N HIS A 203 0.46 -16.08 -27.20
CA HIS A 203 -0.51 -15.64 -26.19
C HIS A 203 -0.83 -14.16 -26.34
N LEU A 204 0.22 -13.35 -26.49
CA LEU A 204 0.06 -11.91 -26.61
C LEU A 204 -0.71 -11.50 -27.86
N GLU A 205 -0.40 -12.13 -28.99
CA GLU A 205 -1.09 -11.78 -30.22
C GLU A 205 -2.55 -12.19 -30.19
N GLN A 206 -2.86 -13.20 -29.40
CA GLN A 206 -4.24 -13.66 -29.27
C GLN A 206 -5.05 -12.55 -28.57
N ILE A 207 -4.37 -11.84 -27.67
CA ILE A 207 -5.01 -10.75 -26.93
C ILE A 207 -5.25 -9.58 -27.89
N VAL A 208 -4.22 -9.20 -28.63
CA VAL A 208 -4.38 -8.09 -29.57
C VAL A 208 -5.53 -8.41 -30.53
N ARG A 209 -5.68 -9.69 -30.86
CA ARG A 209 -6.77 -10.10 -31.74
C ARG A 209 -8.11 -9.79 -31.08
N LEU A 210 -8.24 -10.18 -29.82
CA LEU A 210 -9.46 -9.94 -29.04
C LEU A 210 -9.80 -8.45 -28.96
N ILE A 211 -8.76 -7.63 -28.79
CA ILE A 211 -8.95 -6.20 -28.71
C ILE A 211 -9.55 -5.67 -30.01
N SER A 212 -9.02 -6.13 -31.14
CA SER A 212 -9.50 -5.70 -32.44
C SER A 212 -10.91 -6.21 -32.73
N GLU A 213 -11.29 -7.31 -32.09
CA GLU A 213 -12.62 -7.88 -32.29
C GLU A 213 -13.66 -7.36 -31.32
N SER A 214 -13.24 -6.51 -30.38
CA SER A 214 -14.16 -5.98 -29.38
C SER A 214 -14.71 -4.60 -29.71
N LYS A 215 -15.89 -4.31 -29.17
CA LYS A 215 -16.53 -3.01 -29.37
C LYS A 215 -16.56 -2.23 -28.04
N LYS A 216 -16.53 -2.95 -26.92
CA LYS A 216 -16.56 -2.32 -25.60
C LYS A 216 -15.47 -2.84 -24.66
N PRO A 217 -14.20 -2.53 -24.95
CA PRO A 217 -13.08 -2.98 -24.13
C PRO A 217 -12.85 -2.11 -22.88
N VAL A 218 -12.43 -2.74 -21.79
CA VAL A 218 -12.15 -2.00 -20.56
C VAL A 218 -10.92 -2.55 -19.84
N LEU A 219 -10.01 -1.65 -19.50
CA LEU A 219 -8.81 -2.03 -18.78
C LEU A 219 -9.14 -2.02 -17.28
N TYR A 220 -8.78 -3.09 -16.59
CA TYR A 220 -9.01 -3.27 -15.15
C TYR A 220 -7.62 -3.46 -14.54
N VAL A 221 -7.02 -2.32 -14.18
CA VAL A 221 -5.66 -2.26 -13.63
C VAL A 221 -5.57 -2.28 -12.12
N GLY A 222 -4.57 -2.99 -11.60
CA GLY A 222 -4.40 -3.10 -10.16
C GLY A 222 -2.98 -2.86 -9.67
N GLY A 223 -2.70 -3.30 -8.44
CA GLY A 223 -1.39 -3.12 -7.87
C GLY A 223 -0.25 -3.77 -8.65
N GLY A 224 -0.57 -4.76 -9.47
CA GLY A 224 0.46 -5.41 -10.25
C GLY A 224 1.04 -4.55 -11.36
N CYS A 225 0.44 -3.39 -11.62
CA CYS A 225 0.93 -2.50 -12.68
C CYS A 225 1.78 -1.35 -12.14
N LEU A 226 2.09 -1.40 -10.85
CA LEU A 226 2.87 -0.32 -10.25
C LEU A 226 4.22 -0.03 -10.87
N ASN A 227 4.76 -0.98 -11.63
CA ASN A 227 6.06 -0.78 -12.27
C ASN A 227 5.92 -0.81 -13.77
N SER A 228 4.70 -0.60 -14.25
CA SER A 228 4.43 -0.64 -15.67
C SER A 228 3.77 0.66 -16.13
N SER A 229 4.03 1.73 -15.39
CA SER A 229 3.48 3.05 -15.68
C SER A 229 3.65 3.41 -17.16
N ASP A 230 4.89 3.40 -17.64
CA ASP A 230 5.16 3.73 -19.03
C ASP A 230 4.53 2.75 -20.01
N GLU A 231 4.78 1.46 -19.80
CA GLU A 231 4.22 0.44 -20.67
C GLU A 231 2.70 0.55 -20.80
N LEU A 232 2.02 0.73 -19.67
CA LEU A 232 0.57 0.85 -19.67
C LEU A 232 0.16 2.10 -20.45
N GLY A 233 0.85 3.21 -20.19
CA GLY A 233 0.55 4.44 -20.89
C GLY A 233 0.61 4.22 -22.38
N ARG A 234 1.76 3.74 -22.85
CA ARG A 234 1.96 3.46 -24.27
C ARG A 234 0.86 2.55 -24.81
N PHE A 235 0.51 1.52 -24.04
CA PHE A 235 -0.52 0.57 -24.45
C PHE A 235 -1.85 1.27 -24.66
N VAL A 236 -2.18 2.21 -23.77
CA VAL A 236 -3.45 2.91 -23.87
C VAL A 236 -3.48 3.87 -25.05
N GLU A 237 -2.35 4.52 -25.35
CA GLU A 237 -2.34 5.45 -26.46
C GLU A 237 -2.27 4.70 -27.78
N LEU A 238 -2.24 3.38 -27.72
CA LEU A 238 -2.20 2.55 -28.93
C LEU A 238 -3.52 1.83 -29.13
N THR A 239 -4.32 1.75 -28.09
CA THR A 239 -5.61 1.07 -28.17
C THR A 239 -6.77 1.99 -27.84
N GLY A 240 -6.47 3.09 -27.13
CA GLY A 240 -7.51 4.03 -26.75
C GLY A 240 -8.60 3.37 -25.92
N ILE A 241 -8.18 2.48 -25.02
CA ILE A 241 -9.14 1.78 -24.15
C ILE A 241 -9.23 2.47 -22.80
N PRO A 242 -10.47 2.65 -22.29
CA PRO A 242 -10.67 3.29 -20.99
C PRO A 242 -10.10 2.46 -19.83
N VAL A 243 -9.43 3.15 -18.91
CA VAL A 243 -8.79 2.50 -17.77
C VAL A 243 -9.54 2.62 -16.43
N ALA A 244 -9.90 1.48 -15.85
CA ALA A 244 -10.56 1.45 -14.56
C ALA A 244 -9.49 0.93 -13.59
N SER A 245 -9.45 1.46 -12.38
CA SER A 245 -8.42 1.02 -11.42
C SER A 245 -8.94 0.60 -10.06
N THR A 246 -8.16 -0.26 -9.40
CA THR A 246 -8.45 -0.74 -8.07
C THR A 246 -7.85 0.25 -7.10
N LEU A 247 -8.13 0.08 -5.82
CA LEU A 247 -7.59 0.97 -4.81
C LEU A 247 -6.08 0.82 -4.78
N MET A 248 -5.61 -0.38 -5.10
CA MET A 248 -4.18 -0.67 -5.10
C MET A 248 -3.47 -0.19 -6.35
N GLY A 249 -4.21 -0.04 -7.46
CA GLY A 249 -3.59 0.41 -8.69
C GLY A 249 -3.55 1.91 -8.96
N LEU A 250 -4.24 2.70 -8.13
CA LEU A 250 -4.28 4.15 -8.32
C LEU A 250 -2.94 4.76 -8.71
N GLY A 251 -2.94 5.49 -9.81
CA GLY A 251 -1.70 6.12 -10.26
C GLY A 251 -0.94 5.39 -11.34
N SER A 252 -1.28 4.12 -11.57
CA SER A 252 -0.61 3.37 -12.63
C SER A 252 -0.88 4.13 -13.91
N TYR A 253 -2.10 4.66 -14.00
CA TYR A 253 -2.54 5.46 -15.13
C TYR A 253 -3.12 6.72 -14.48
N PRO A 254 -2.64 7.91 -14.89
CA PRO A 254 -3.11 9.19 -14.34
C PRO A 254 -4.63 9.35 -14.23
N CSD A 255 -5.13 9.57 -13.01
CA CSD A 255 -6.57 9.74 -12.78
CB CSD A 255 -6.87 9.82 -11.28
SG CSD A 255 -6.34 8.33 -10.38
C CSD A 255 -7.13 10.96 -13.45
O CSD A 255 -8.35 11.10 -13.61
OD1 CSD A 255 -7.04 7.12 -10.54
OD2 CSD A 255 -5.17 8.42 -9.52
N ASP A 256 -6.25 11.87 -13.84
CA ASP A 256 -6.66 13.12 -14.49
C ASP A 256 -6.86 12.98 -15.99
N ASP A 257 -6.26 11.96 -16.59
CA ASP A 257 -6.38 11.74 -18.02
C ASP A 257 -7.85 11.50 -18.39
N GLU A 258 -8.23 11.89 -19.60
CA GLU A 258 -9.61 11.74 -20.04
C GLU A 258 -10.02 10.29 -20.29
N LEU A 259 -9.02 9.43 -20.50
CA LEU A 259 -9.30 8.02 -20.73
C LEU A 259 -9.48 7.27 -19.42
N SER A 260 -9.22 7.95 -18.31
CA SER A 260 -9.34 7.36 -16.98
C SER A 260 -10.77 7.27 -16.47
N LEU A 261 -11.18 6.07 -16.05
CA LEU A 261 -12.53 5.85 -15.51
C LEU A 261 -12.42 5.88 -14.00
N HIS A 262 -11.22 6.14 -13.49
CA HIS A 262 -10.95 6.19 -12.07
C HIS A 262 -11.17 4.84 -11.38
N MET A 263 -11.42 4.84 -10.08
CA MET A 263 -11.59 3.60 -9.34
C MET A 263 -12.92 2.88 -9.53
N LEU A 264 -12.86 1.56 -9.58
CA LEU A 264 -14.07 0.76 -9.71
C LEU A 264 -14.25 0.05 -8.38
N GLY A 265 -15.36 -0.67 -8.21
CA GLY A 265 -15.60 -1.37 -6.97
C GLY A 265 -16.67 -0.77 -6.07
N MET A 266 -16.75 -1.30 -4.86
CA MET A 266 -17.72 -0.88 -3.86
C MET A 266 -17.91 0.63 -3.79
N HIS A 267 -16.80 1.37 -3.73
CA HIS A 267 -16.86 2.81 -3.67
C HIS A 267 -16.26 3.41 -4.93
N GLY A 268 -16.37 2.67 -6.02
CA GLY A 268 -15.84 3.15 -7.29
C GLY A 268 -16.86 4.07 -7.97
N THR A 269 -16.41 4.80 -8.98
CA THR A 269 -17.27 5.72 -9.71
C THR A 269 -18.36 4.94 -10.44
N VAL A 270 -19.52 5.55 -10.61
CA VAL A 270 -20.63 4.91 -11.30
C VAL A 270 -20.23 4.53 -12.72
N TYR A 271 -19.49 5.40 -13.38
CA TYR A 271 -19.08 5.12 -14.75
C TYR A 271 -18.03 4.01 -14.88
N ALA A 272 -17.20 3.84 -13.86
CA ALA A 272 -16.18 2.81 -13.88
C ALA A 272 -16.84 1.44 -13.78
N ASN A 273 -17.75 1.30 -12.81
CA ASN A 273 -18.46 0.04 -12.64
C ASN A 273 -19.42 -0.18 -13.79
N TYR A 274 -19.78 0.91 -14.46
CA TYR A 274 -20.68 0.82 -15.60
C TYR A 274 -19.88 0.16 -16.72
N ALA A 275 -18.75 0.78 -17.05
CA ALA A 275 -17.88 0.28 -18.10
C ALA A 275 -17.65 -1.23 -17.97
N VAL A 276 -17.32 -1.69 -16.77
CA VAL A 276 -17.07 -3.11 -16.55
C VAL A 276 -18.36 -3.92 -16.73
N GLU A 277 -19.45 -3.45 -16.16
CA GLU A 277 -20.73 -4.14 -16.26
C GLU A 277 -21.17 -4.42 -17.70
N HIS A 278 -20.91 -3.47 -18.60
CA HIS A 278 -21.32 -3.61 -19.99
C HIS A 278 -20.21 -3.88 -21.00
N SER A 279 -19.00 -4.11 -20.52
CA SER A 279 -17.88 -4.38 -21.42
C SER A 279 -18.01 -5.75 -22.07
N ASP A 280 -17.33 -5.95 -23.20
CA ASP A 280 -17.34 -7.23 -23.88
C ASP A 280 -15.92 -7.82 -23.84
N LEU A 281 -14.98 -7.03 -23.32
CA LEU A 281 -13.59 -7.45 -23.19
C LEU A 281 -12.99 -6.81 -21.93
N LEU A 282 -12.62 -7.65 -20.96
CA LEU A 282 -12.04 -7.14 -19.72
C LEU A 282 -10.56 -7.48 -19.64
N LEU A 283 -9.72 -6.45 -19.74
CA LEU A 283 -8.28 -6.65 -19.66
C LEU A 283 -7.80 -6.46 -18.21
N ALA A 284 -7.84 -7.54 -17.44
CA ALA A 284 -7.45 -7.52 -16.04
C ALA A 284 -5.95 -7.69 -15.86
N PHE A 285 -5.23 -6.57 -15.74
CA PHE A 285 -3.79 -6.62 -15.59
C PHE A 285 -3.33 -6.28 -14.17
N GLY A 286 -2.74 -7.25 -13.50
CA GLY A 286 -2.23 -7.04 -12.15
C GLY A 286 -3.29 -6.84 -11.10
N VAL A 287 -4.35 -7.65 -11.17
CA VAL A 287 -5.45 -7.57 -10.22
C VAL A 287 -5.80 -8.96 -9.70
N ARG A 288 -6.48 -9.02 -8.56
CA ARG A 288 -6.84 -10.31 -7.99
C ARG A 288 -8.34 -10.51 -7.82
N PHE A 289 -9.13 -9.80 -8.61
CA PHE A 289 -10.59 -9.91 -8.54
C PHE A 289 -11.10 -10.01 -7.10
N ASP A 290 -10.78 -9.01 -6.28
CA ASP A 290 -11.21 -9.00 -4.89
C ASP A 290 -12.72 -8.80 -4.76
N ASP A 291 -13.31 -9.28 -3.67
CA ASP A 291 -14.75 -9.12 -3.47
C ASP A 291 -15.16 -7.64 -3.42
N ARG A 292 -14.23 -6.79 -3.00
CA ARG A 292 -14.50 -5.36 -2.93
C ARG A 292 -14.81 -4.77 -4.29
N VAL A 293 -14.14 -5.23 -5.34
CA VAL A 293 -14.42 -4.67 -6.64
C VAL A 293 -15.42 -5.47 -7.47
N THR A 294 -15.52 -6.77 -7.26
CA THR A 294 -16.42 -7.60 -8.07
C THR A 294 -17.87 -7.66 -7.57
N GLY A 295 -18.06 -7.57 -6.26
CA GLY A 295 -19.41 -7.68 -5.74
C GLY A 295 -19.79 -9.13 -6.00
N LYS A 296 -20.99 -9.37 -6.52
CA LYS A 296 -21.43 -10.74 -6.81
C LYS A 296 -20.70 -11.23 -8.07
N LEU A 297 -19.77 -12.17 -7.89
CA LEU A 297 -18.98 -12.72 -8.99
C LEU A 297 -19.75 -13.04 -10.25
N GLU A 298 -20.85 -13.79 -10.12
CA GLU A 298 -21.65 -14.16 -11.27
C GLU A 298 -22.09 -12.96 -12.10
N ALA A 299 -22.30 -11.82 -11.43
CA ALA A 299 -22.74 -10.62 -12.10
C ALA A 299 -21.62 -9.74 -12.62
N PHE A 300 -20.41 -9.94 -12.11
CA PHE A 300 -19.26 -9.14 -12.52
C PHE A 300 -18.82 -9.40 -13.96
N ALA A 301 -18.75 -8.36 -14.77
CA ALA A 301 -18.35 -8.46 -16.17
C ALA A 301 -18.98 -9.70 -16.83
N SER A 302 -20.25 -9.89 -16.53
CA SER A 302 -21.03 -11.03 -17.02
C SER A 302 -21.08 -11.18 -18.54
N ARG A 303 -21.11 -10.08 -19.26
CA ARG A 303 -21.20 -10.16 -20.70
C ARG A 303 -19.89 -9.84 -21.41
N ALA A 304 -18.80 -10.49 -21.01
CA ALA A 304 -17.54 -10.19 -21.66
C ALA A 304 -16.40 -11.18 -21.51
N LYS A 305 -15.51 -11.19 -22.51
CA LYS A 305 -14.35 -12.07 -22.52
C LYS A 305 -13.28 -11.49 -21.61
N ILE A 306 -12.89 -12.27 -20.61
CA ILE A 306 -11.90 -11.82 -19.64
C ILE A 306 -10.48 -12.30 -19.91
N VAL A 307 -9.55 -11.35 -20.00
CA VAL A 307 -8.15 -11.65 -20.22
C VAL A 307 -7.46 -11.32 -18.89
N HIS A 308 -6.84 -12.32 -18.27
CA HIS A 308 -6.19 -12.09 -16.98
C HIS A 308 -4.68 -12.35 -17.04
N ILE A 309 -3.90 -11.33 -16.72
CA ILE A 309 -2.44 -11.43 -16.70
C ILE A 309 -1.92 -11.25 -15.27
N ASP A 310 -1.48 -12.34 -14.65
CA ASP A 310 -0.97 -12.29 -13.28
C ASP A 310 0.34 -13.05 -13.13
N ILE A 311 1.19 -12.56 -12.24
CA ILE A 311 2.50 -13.16 -11.97
C ILE A 311 2.33 -14.36 -11.03
N ASP A 312 1.15 -14.50 -10.46
CA ASP A 312 0.85 -15.60 -9.53
C ASP A 312 -0.21 -16.51 -10.13
N SER A 313 0.22 -17.67 -10.63
CA SER A 313 -0.71 -18.60 -11.25
C SER A 313 -1.86 -18.96 -10.30
N ALA A 314 -1.59 -18.95 -9.00
CA ALA A 314 -2.61 -19.27 -8.02
C ALA A 314 -3.79 -18.29 -8.10
N GLU A 315 -3.55 -17.12 -8.69
CA GLU A 315 -4.59 -16.10 -8.83
C GLU A 315 -5.43 -16.27 -10.08
N ILE A 316 -4.81 -16.74 -11.15
CA ILE A 316 -5.53 -16.92 -12.41
C ILE A 316 -6.60 -17.99 -12.29
N GLY A 317 -7.86 -17.56 -12.28
CA GLY A 317 -8.96 -18.49 -12.19
C GLY A 317 -9.44 -18.74 -10.77
N LYS A 318 -8.91 -18.00 -9.79
CA LYS A 318 -9.31 -18.20 -8.40
C LYS A 318 -10.77 -17.84 -8.14
N ASN A 319 -11.22 -16.68 -8.65
CA ASN A 319 -12.60 -16.24 -8.46
C ASN A 319 -13.34 -16.09 -9.77
N LYS A 320 -12.60 -15.78 -10.84
CA LYS A 320 -13.20 -15.61 -12.17
C LYS A 320 -12.43 -16.43 -13.19
N THR A 321 -13.14 -17.12 -14.08
CA THR A 321 -12.51 -17.94 -15.09
C THR A 321 -12.34 -17.14 -16.38
N PRO A 322 -11.09 -16.82 -16.74
CA PRO A 322 -10.82 -16.04 -17.94
C PRO A 322 -11.11 -16.82 -19.22
N HIS A 323 -11.10 -16.11 -20.34
CA HIS A 323 -11.31 -16.72 -21.64
C HIS A 323 -9.89 -16.81 -22.22
N VAL A 324 -9.00 -16.08 -21.57
CA VAL A 324 -7.60 -16.02 -21.94
C VAL A 324 -6.82 -15.62 -20.70
N SER A 325 -5.63 -16.17 -20.53
CA SER A 325 -4.81 -15.84 -19.37
C SER A 325 -3.34 -15.90 -19.71
N VAL A 326 -2.56 -15.08 -19.04
CA VAL A 326 -1.13 -15.05 -19.23
C VAL A 326 -0.48 -14.99 -17.86
N CYS A 327 0.21 -16.06 -17.49
CA CYS A 327 0.88 -16.09 -16.21
C CYS A 327 2.28 -15.53 -16.40
N GLY A 328 2.48 -14.28 -16.00
CA GLY A 328 3.78 -13.65 -16.14
C GLY A 328 3.75 -12.19 -15.77
N ASP A 329 4.90 -11.53 -15.91
CA ASP A 329 5.05 -10.11 -15.58
C ASP A 329 4.27 -9.22 -16.55
N VAL A 330 3.26 -8.53 -16.03
CA VAL A 330 2.44 -7.66 -16.86
C VAL A 330 3.28 -6.62 -17.59
N LYS A 331 4.40 -6.24 -16.99
CA LYS A 331 5.29 -5.25 -17.60
C LYS A 331 5.80 -5.77 -18.93
N LEU A 332 6.19 -7.04 -18.97
CA LEU A 332 6.68 -7.65 -20.19
C LEU A 332 5.55 -7.88 -21.18
N ALA A 333 4.40 -8.33 -20.69
CA ALA A 333 3.25 -8.57 -21.55
C ALA A 333 2.89 -7.30 -22.32
N LEU A 334 2.88 -6.17 -21.62
CA LEU A 334 2.57 -4.88 -22.24
C LEU A 334 3.60 -4.51 -23.30
N GLN A 335 4.88 -4.63 -22.98
CA GLN A 335 5.93 -4.31 -23.94
C GLN A 335 5.73 -5.17 -25.19
N GLY A 336 5.39 -6.43 -24.97
CA GLY A 336 5.16 -7.33 -26.08
C GLY A 336 3.96 -6.90 -26.89
N MET A 337 2.83 -6.70 -26.24
CA MET A 337 1.63 -6.28 -26.94
C MET A 337 1.83 -4.94 -27.62
N ASN A 338 2.67 -4.08 -27.03
CA ASN A 338 2.91 -2.78 -27.63
C ASN A 338 3.60 -2.87 -28.99
N LYS A 339 4.65 -3.68 -29.08
CA LYS A 339 5.36 -3.85 -30.35
C LYS A 339 4.36 -4.30 -31.42
N VAL A 340 3.55 -5.31 -31.08
CA VAL A 340 2.55 -5.81 -32.00
C VAL A 340 1.58 -4.72 -32.44
N LEU A 341 1.09 -3.94 -31.48
CA LEU A 341 0.15 -2.86 -31.78
C LEU A 341 0.76 -1.75 -32.65
N GLU A 342 2.05 -1.50 -32.47
CA GLU A 342 2.72 -0.48 -33.27
C GLU A 342 2.85 -0.94 -34.72
N ASN A 343 3.17 -2.22 -34.90
CA ASN A 343 3.32 -2.76 -36.25
C ASN A 343 1.99 -2.85 -36.97
N ARG A 344 1.08 -3.68 -36.47
CA ARG A 344 -0.22 -3.83 -37.08
C ARG A 344 -1.10 -2.59 -36.86
N ALA A 345 -0.46 -1.45 -36.64
CA ALA A 345 -1.19 -0.20 -36.42
C ALA A 345 -2.22 0.05 -37.52
N GLU A 346 -1.73 0.28 -38.74
CA GLU A 346 -2.59 0.54 -39.89
C GLU A 346 -3.51 -0.64 -40.19
N GLU A 347 -2.96 -1.85 -40.15
CA GLU A 347 -3.73 -3.06 -40.40
C GLU A 347 -4.90 -3.20 -39.42
N LEU A 348 -4.70 -2.73 -38.20
CA LEU A 348 -5.73 -2.80 -37.16
C LEU A 348 -6.67 -1.62 -37.15
N LYS A 349 -6.11 -0.41 -37.03
CA LYS A 349 -6.92 0.80 -36.99
C LYS A 349 -8.02 0.61 -35.93
N LEU A 350 -7.63 0.71 -34.67
CA LEU A 350 -8.55 0.55 -33.56
C LEU A 350 -9.27 1.86 -33.25
N ASP A 351 -10.59 1.78 -33.09
CA ASP A 351 -11.38 2.96 -32.80
C ASP A 351 -12.51 2.62 -31.85
N PHE A 352 -12.37 3.03 -30.60
CA PHE A 352 -13.40 2.77 -29.59
C PHE A 352 -14.12 4.06 -29.19
N GLY A 353 -14.07 5.05 -30.07
CA GLY A 353 -14.70 6.32 -29.80
C GLY A 353 -16.16 6.21 -29.40
N VAL A 354 -16.90 5.32 -30.05
CA VAL A 354 -18.31 5.14 -29.74
C VAL A 354 -18.52 4.63 -28.32
N TRP A 355 -17.65 3.69 -27.90
CA TRP A 355 -17.73 3.12 -26.56
C TRP A 355 -17.38 4.21 -25.55
N ARG A 356 -16.28 4.90 -25.81
CA ARG A 356 -15.82 5.97 -24.92
C ARG A 356 -16.88 7.05 -24.75
N ASN A 357 -17.65 7.30 -25.80
CA ASN A 357 -18.70 8.30 -25.75
C ASN A 357 -19.80 7.82 -24.83
N GLU A 358 -20.18 6.56 -24.95
CA GLU A 358 -21.22 5.97 -24.13
C GLU A 358 -20.83 6.13 -22.66
N LEU A 359 -19.53 6.04 -22.41
CA LEU A 359 -19.01 6.16 -21.06
C LEU A 359 -18.90 7.62 -20.63
N ASN A 360 -18.54 8.50 -21.56
CA ASN A 360 -18.41 9.92 -21.24
C ASN A 360 -19.75 10.51 -20.81
N VAL A 361 -20.83 10.01 -21.39
CA VAL A 361 -22.14 10.52 -21.01
C VAL A 361 -22.42 10.01 -19.61
N GLN A 362 -21.96 8.80 -19.33
CA GLN A 362 -22.13 8.21 -18.02
C GLN A 362 -21.30 8.98 -17.00
N LYS A 363 -20.11 9.40 -17.44
CA LYS A 363 -19.21 10.15 -16.57
C LYS A 363 -19.79 11.54 -16.30
N GLN A 364 -20.62 11.99 -17.24
CA GLN A 364 -21.24 13.31 -17.16
C GLN A 364 -22.51 13.28 -16.32
N LYS A 365 -23.28 12.21 -16.45
CA LYS A 365 -24.52 12.09 -15.71
C LYS A 365 -24.30 11.64 -14.25
N PHE A 366 -23.29 10.80 -14.01
CA PHE A 366 -23.03 10.31 -12.65
C PHE A 366 -21.62 10.52 -12.14
N PRO A 367 -21.19 11.78 -12.02
CA PRO A 367 -19.85 12.09 -11.53
C PRO A 367 -19.73 12.07 -10.00
N LEU A 368 -18.50 12.03 -9.50
CA LEU A 368 -18.30 12.04 -8.06
C LEU A 368 -18.75 13.41 -7.57
N SER A 369 -19.53 13.41 -6.50
CA SER A 369 -20.05 14.67 -5.99
C SER A 369 -20.14 14.71 -4.47
N PHE A 370 -20.09 15.93 -3.94
CA PHE A 370 -20.17 16.14 -2.50
C PHE A 370 -20.99 17.39 -2.26
N LYS A 371 -21.64 17.44 -1.10
CA LYS A 371 -22.47 18.57 -0.75
C LYS A 371 -21.78 19.45 0.28
N THR A 372 -21.93 20.77 0.14
CA THR A 372 -21.33 21.73 1.06
C THR A 372 -22.41 22.36 1.95
N PHE A 373 -22.30 22.19 3.26
CA PHE A 373 -23.28 22.75 4.20
C PHE A 373 -22.76 23.98 4.92
N GLY A 374 -23.41 25.12 4.69
CA GLY A 374 -22.99 26.34 5.34
C GLY A 374 -21.51 26.60 5.19
N GLU A 375 -20.81 26.72 6.32
CA GLU A 375 -19.37 26.96 6.29
C GLU A 375 -18.58 25.75 6.77
N ALA A 376 -19.29 24.64 6.98
CA ALA A 376 -18.65 23.41 7.43
C ALA A 376 -17.72 22.94 6.32
N ILE A 377 -16.58 22.37 6.72
CA ILE A 377 -15.60 21.89 5.75
C ILE A 377 -15.95 20.49 5.22
N PRO A 378 -16.06 20.36 3.89
CA PRO A 378 -16.36 19.05 3.29
C PRO A 378 -15.03 18.32 3.12
N PRO A 379 -14.86 17.14 3.75
CA PRO A 379 -13.58 16.43 3.60
C PRO A 379 -13.16 16.29 2.13
N GLN A 380 -14.10 15.93 1.26
CA GLN A 380 -13.80 15.78 -0.15
C GLN A 380 -13.13 17.05 -0.67
N TYR A 381 -13.69 18.20 -0.30
CA TYR A 381 -13.17 19.50 -0.73
C TYR A 381 -11.75 19.72 -0.21
N ALA A 382 -11.52 19.38 1.06
CA ALA A 382 -10.22 19.56 1.67
C ALA A 382 -9.15 18.82 0.88
N ILE A 383 -9.45 17.58 0.52
CA ILE A 383 -8.52 16.76 -0.25
C ILE A 383 -8.35 17.38 -1.63
N LYS A 384 -9.45 17.87 -2.19
CA LYS A 384 -9.43 18.50 -3.49
C LYS A 384 -8.48 19.71 -3.48
N VAL A 385 -8.50 20.46 -2.37
CA VAL A 385 -7.65 21.63 -2.24
C VAL A 385 -6.19 21.20 -2.12
N LEU A 386 -5.94 20.16 -1.32
CA LEU A 386 -4.58 19.66 -1.15
C LEU A 386 -4.01 19.27 -2.50
N ASP A 387 -4.84 18.62 -3.30
CA ASP A 387 -4.45 18.19 -4.63
C ASP A 387 -3.97 19.40 -5.42
N GLU A 388 -4.79 20.44 -5.47
CA GLU A 388 -4.45 21.65 -6.21
C GLU A 388 -3.18 22.34 -5.71
N LEU A 389 -3.08 22.57 -4.41
CA LEU A 389 -1.92 23.25 -3.88
C LEU A 389 -0.62 22.45 -4.00
N THR A 390 -0.74 21.13 -4.18
CA THR A 390 0.45 20.30 -4.30
C THR A 390 0.62 19.87 -5.75
N ASP A 391 -0.26 20.37 -6.60
CA ASP A 391 -0.22 20.06 -8.02
C ASP A 391 -0.23 18.54 -8.24
N GLY A 392 -0.90 17.84 -7.32
CA GLY A 392 -1.02 16.39 -7.40
C GLY A 392 0.28 15.63 -7.51
N LYS A 393 1.33 16.13 -6.88
CA LYS A 393 2.63 15.47 -6.96
C LYS A 393 3.08 14.97 -5.59
N ALA A 394 2.16 14.98 -4.62
CA ALA A 394 2.49 14.54 -3.28
C ALA A 394 2.33 13.04 -3.07
N ILE A 395 3.05 12.52 -2.08
CA ILE A 395 2.95 11.12 -1.74
C ILE A 395 1.93 11.15 -0.62
N ILE A 396 0.83 10.44 -0.84
CA ILE A 396 -0.27 10.40 0.12
C ILE A 396 -0.41 9.06 0.83
N SER A 397 -0.31 9.06 2.15
CA SER A 397 -0.50 7.83 2.91
C SER A 397 -1.82 8.08 3.62
N THR A 398 -2.49 7.04 4.08
CA THR A 398 -3.76 7.25 4.75
C THR A 398 -4.09 6.18 5.78
N GLY A 399 -5.13 6.45 6.56
CA GLY A 399 -5.58 5.48 7.54
C GLY A 399 -6.60 4.65 6.79
N VAL A 400 -7.53 4.06 7.51
CA VAL A 400 -8.57 3.24 6.88
C VAL A 400 -9.95 3.75 7.24
N GLY A 401 -10.83 3.83 6.26
CA GLY A 401 -12.19 4.31 6.51
C GLY A 401 -12.67 5.28 5.46
N GLN A 402 -13.60 6.15 5.84
CA GLN A 402 -14.15 7.13 4.91
C GLN A 402 -13.07 8.04 4.32
N HIS A 403 -12.22 8.60 5.18
CA HIS A 403 -11.17 9.49 4.69
C HIS A 403 -10.30 8.79 3.64
N GLN A 404 -10.10 7.49 3.82
CA GLN A 404 -9.31 6.72 2.88
C GLN A 404 -10.01 6.72 1.52
N MET A 405 -11.31 6.45 1.53
CA MET A 405 -12.05 6.44 0.27
C MET A 405 -12.00 7.83 -0.36
N TRP A 406 -12.15 8.88 0.45
CA TRP A 406 -12.11 10.22 -0.11
C TRP A 406 -10.73 10.57 -0.62
N ALA A 407 -9.69 10.11 0.08
CA ALA A 407 -8.33 10.38 -0.38
C ALA A 407 -8.13 9.69 -1.73
N ALA A 408 -8.81 8.57 -1.92
CA ALA A 408 -8.70 7.84 -3.17
C ALA A 408 -9.49 8.53 -4.27
N GLN A 409 -10.72 8.93 -3.94
CA GLN A 409 -11.60 9.58 -4.91
C GLN A 409 -11.24 11.00 -5.34
N PHE A 410 -10.90 11.87 -4.40
CA PHE A 410 -10.64 13.26 -4.76
C PHE A 410 -9.23 13.77 -4.92
N TYR A 411 -8.28 12.87 -5.14
CA TYR A 411 -6.92 13.28 -5.38
C TYR A 411 -6.51 12.59 -6.67
N ASN A 412 -5.92 13.32 -7.60
CA ASN A 412 -5.51 12.74 -8.85
C ASN A 412 -4.03 12.40 -8.84
N TYR A 413 -3.74 11.11 -8.69
CA TYR A 413 -2.37 10.65 -8.67
C TYR A 413 -1.82 10.59 -10.08
N LYS A 414 -0.65 11.17 -10.28
CA LYS A 414 -0.02 11.20 -11.59
C LYS A 414 0.77 9.93 -11.84
N LYS A 415 1.46 9.47 -10.80
CA LYS A 415 2.29 8.28 -10.90
C LYS A 415 1.99 7.24 -9.81
N PRO A 416 2.45 6.00 -10.01
CA PRO A 416 2.20 4.97 -9.00
C PRO A 416 3.22 5.21 -7.88
N ARG A 417 2.97 4.63 -6.71
CA ARG A 417 3.85 4.78 -5.56
C ARG A 417 3.73 6.17 -4.94
N GLN A 418 2.63 6.83 -5.27
CA GLN A 418 2.31 8.14 -4.75
C GLN A 418 1.20 7.87 -3.73
N TRP A 419 0.51 6.76 -3.93
CA TRP A 419 -0.60 6.30 -3.10
C TRP A 419 -0.16 5.16 -2.18
N LEU A 420 -0.14 5.41 -0.88
CA LEU A 420 0.27 4.41 0.11
C LEU A 420 -0.91 4.18 1.04
N SER A 421 -1.63 3.08 0.85
CA SER A 421 -2.80 2.79 1.66
C SER A 421 -3.00 1.28 1.87
N SER A 422 -3.42 0.88 3.07
CA SER A 422 -3.65 -0.54 3.38
C SER A 422 -4.98 -0.96 2.77
N GLY A 423 -4.92 -1.77 1.71
CA GLY A 423 -6.15 -2.19 1.04
C GLY A 423 -6.75 -3.55 1.37
N GLY A 424 -5.94 -4.60 1.34
CA GLY A 424 -6.46 -5.93 1.62
C GLY A 424 -6.83 -6.18 3.07
N LEU A 425 -5.95 -5.81 3.99
CA LEU A 425 -6.20 -6.01 5.42
C LEU A 425 -6.93 -4.80 5.97
N GLY A 426 -6.59 -3.63 5.45
CA GLY A 426 -7.22 -2.39 5.88
C GLY A 426 -6.94 -2.09 7.35
N ALA A 427 -5.66 -1.98 7.69
CA ALA A 427 -5.25 -1.73 9.05
C ALA A 427 -5.18 -0.27 9.45
N MET A 428 -5.96 0.12 10.45
CA MET A 428 -5.94 1.49 10.94
C MET A 428 -4.58 1.78 11.58
N GLY A 429 -4.20 3.05 11.65
CA GLY A 429 -2.92 3.40 12.24
C GLY A 429 -1.75 3.26 11.30
N PHE A 430 -2.05 2.96 10.04
CA PHE A 430 -1.05 2.77 9.00
C PHE A 430 -0.51 4.08 8.42
N GLY A 431 -1.40 5.05 8.25
CA GLY A 431 -1.06 6.34 7.67
C GLY A 431 0.14 7.13 8.17
N LEU A 432 0.23 7.36 9.47
CA LEU A 432 1.35 8.14 9.97
C LEU A 432 2.69 7.41 9.81
N PRO A 433 2.77 6.14 10.24
CA PRO A 433 4.04 5.41 10.09
C PRO A 433 4.43 5.26 8.62
N ALA A 434 3.46 5.00 7.76
CA ALA A 434 3.75 4.83 6.33
C ALA A 434 4.36 6.11 5.78
N ALA A 435 3.84 7.25 6.21
CA ALA A 435 4.35 8.53 5.77
C ALA A 435 5.82 8.68 6.20
N ILE A 436 6.14 8.17 7.38
CA ILE A 436 7.50 8.25 7.90
C ILE A 436 8.45 7.50 6.96
N GLY A 437 8.05 6.29 6.59
CA GLY A 437 8.90 5.50 5.71
C GLY A 437 9.00 6.13 4.34
N ALA A 438 7.88 6.66 3.85
CA ALA A 438 7.84 7.28 2.52
C ALA A 438 8.77 8.50 2.47
N SER A 439 8.76 9.28 3.55
CA SER A 439 9.58 10.47 3.61
C SER A 439 11.07 10.12 3.63
N VAL A 440 11.44 9.11 4.40
CA VAL A 440 12.84 8.70 4.46
C VAL A 440 13.27 8.20 3.08
N ALA A 441 12.39 7.51 2.39
CA ALA A 441 12.70 6.99 1.06
C ALA A 441 12.66 8.08 0.00
N ASN A 442 11.97 9.18 0.30
CA ASN A 442 11.83 10.30 -0.64
C ASN A 442 12.00 11.63 0.10
N PRO A 443 13.24 11.92 0.54
CA PRO A 443 13.62 13.13 1.28
C PRO A 443 13.19 14.46 0.69
N ASP A 444 13.14 14.55 -0.64
CA ASP A 444 12.78 15.79 -1.30
C ASP A 444 11.34 15.84 -1.81
N ALA A 445 10.50 14.95 -1.30
CA ALA A 445 9.12 14.92 -1.75
C ALA A 445 8.16 15.50 -0.71
N ILE A 446 6.96 15.81 -1.18
CA ILE A 446 5.92 16.32 -0.30
C ILE A 446 5.20 15.05 0.15
N VAL A 447 5.23 14.81 1.46
CA VAL A 447 4.61 13.63 2.01
C VAL A 447 3.47 14.06 2.93
N VAL A 448 2.26 13.66 2.57
CA VAL A 448 1.09 14.03 3.36
C VAL A 448 0.29 12.81 3.83
N ASP A 449 0.09 12.73 5.14
CA ASP A 449 -0.70 11.66 5.69
C ASP A 449 -2.13 12.18 5.88
N ILE A 450 -3.05 11.72 5.04
CA ILE A 450 -4.46 12.11 5.14
C ILE A 450 -5.05 11.07 6.07
N ASP A 451 -5.12 11.41 7.36
CA ASP A 451 -5.60 10.50 8.39
C ASP A 451 -7.01 10.78 8.94
N GLY A 452 -7.50 9.82 9.72
CA GLY A 452 -8.80 9.92 10.36
C GLY A 452 -8.47 10.06 11.83
N ASP A 453 -9.37 10.62 12.63
CA ASP A 453 -9.06 10.80 14.05
C ASP A 453 -8.96 9.47 14.78
N GLY A 454 -9.66 8.46 14.31
CA GLY A 454 -9.59 7.16 14.94
C GLY A 454 -8.27 6.48 14.57
N SER A 455 -7.93 6.48 13.28
CA SER A 455 -6.71 5.87 12.80
C SER A 455 -5.47 6.61 13.28
N PHE A 456 -5.54 7.94 13.26
CA PHE A 456 -4.41 8.75 13.66
C PHE A 456 -3.96 8.53 15.10
N ILE A 457 -4.90 8.40 16.01
CA ILE A 457 -4.52 8.24 17.41
C ILE A 457 -3.90 6.88 17.73
N MET A 458 -4.20 5.87 16.93
CA MET A 458 -3.67 4.53 17.17
C MET A 458 -2.15 4.47 17.23
N ASN A 459 -1.47 5.17 16.32
CA ASN A 459 -0.02 5.17 16.34
C ASN A 459 0.51 6.59 16.45
N VAL A 460 -0.21 7.39 17.25
CA VAL A 460 0.12 8.78 17.48
C VAL A 460 1.52 8.93 18.07
N GLN A 461 2.03 7.90 18.72
CA GLN A 461 3.36 7.97 19.31
C GLN A 461 4.45 8.18 18.26
N GLU A 462 4.14 7.90 17.00
CA GLU A 462 5.15 8.08 15.98
C GLU A 462 5.44 9.56 15.69
N LEU A 463 4.65 10.46 16.27
CA LEU A 463 4.89 11.89 16.06
C LEU A 463 6.27 12.18 16.64
N ALA A 464 6.62 11.48 17.71
CA ALA A 464 7.92 11.65 18.34
C ALA A 464 9.01 11.28 17.36
N THR A 465 8.79 10.20 16.61
CA THR A 465 9.75 9.72 15.61
C THR A 465 9.97 10.79 14.54
N ILE A 466 8.87 11.32 14.02
CA ILE A 466 8.88 12.34 12.99
C ILE A 466 9.73 13.54 13.40
N ARG A 467 9.53 14.03 14.62
CA ARG A 467 10.27 15.18 15.11
C ARG A 467 11.77 14.88 15.20
N VAL A 468 12.10 13.84 15.96
CA VAL A 468 13.47 13.44 16.16
C VAL A 468 14.22 13.15 14.85
N GLU A 469 13.57 12.53 13.88
CA GLU A 469 14.23 12.24 12.61
C GLU A 469 14.13 13.44 11.68
N ASN A 470 13.51 14.51 12.18
CA ASN A 470 13.32 15.75 11.44
C ASN A 470 12.84 15.50 10.00
N LEU A 471 11.67 14.85 9.89
CA LEU A 471 11.05 14.51 8.63
C LEU A 471 9.91 15.48 8.31
N PRO A 472 9.88 16.01 7.07
CA PRO A 472 8.85 16.94 6.65
C PRO A 472 7.49 16.29 6.41
N VAL A 473 7.00 15.54 7.39
CA VAL A 473 5.71 14.88 7.25
C VAL A 473 4.55 15.82 7.56
N LYS A 474 3.64 15.99 6.61
CA LYS A 474 2.48 16.83 6.81
C LYS A 474 1.29 15.92 7.13
N VAL A 475 0.49 16.30 8.12
CA VAL A 475 -0.65 15.47 8.48
C VAL A 475 -1.95 16.23 8.25
N LEU A 476 -2.74 15.78 7.28
CA LEU A 476 -4.05 16.38 6.99
C LEU A 476 -5.05 15.49 7.71
N LEU A 477 -5.37 15.85 8.95
CA LEU A 477 -6.29 15.07 9.76
C LEU A 477 -7.75 15.45 9.55
N LEU A 478 -8.51 14.57 8.88
CA LEU A 478 -9.93 14.82 8.66
C LEU A 478 -10.64 14.34 9.92
N ASN A 479 -10.77 15.24 10.88
CA ASN A 479 -11.39 14.93 12.17
C ASN A 479 -12.91 15.00 12.15
N ASN A 480 -13.57 13.87 12.39
CA ASN A 480 -15.04 13.83 12.43
C ASN A 480 -15.56 13.22 13.73
N GLN A 481 -14.67 13.10 14.72
CA GLN A 481 -15.04 12.57 16.02
C GLN A 481 -15.67 11.18 16.04
N HIS A 482 -15.68 10.50 14.89
CA HIS A 482 -16.26 9.17 14.81
C HIS A 482 -15.41 8.16 14.05
N LEU A 483 -15.88 6.91 14.08
CA LEU A 483 -15.26 5.84 13.32
C LEU A 483 -16.18 5.87 12.11
N GLY A 484 -15.91 6.85 11.24
CA GLY A 484 -16.71 7.08 10.05
C GLY A 484 -17.33 5.95 9.29
N MET A 485 -16.51 5.01 8.80
CA MET A 485 -17.01 3.90 8.01
C MET A 485 -17.99 3.02 8.78
N VAL A 486 -17.69 2.70 10.04
CA VAL A 486 -18.58 1.86 10.82
C VAL A 486 -19.89 2.60 11.06
N MET A 487 -19.77 3.91 11.25
CA MET A 487 -20.91 4.78 11.48
C MET A 487 -21.81 4.79 10.24
N GLN A 488 -21.20 4.90 9.07
CA GLN A 488 -21.97 4.91 7.82
C GLN A 488 -22.81 3.64 7.71
N TRP A 489 -22.20 2.50 8.06
CA TRP A 489 -22.91 1.23 7.99
C TRP A 489 -24.02 1.18 9.03
N GLU A 490 -23.79 1.82 10.18
CA GLU A 490 -24.81 1.86 11.22
C GLU A 490 -26.01 2.61 10.66
N ASP A 491 -25.74 3.73 9.99
CA ASP A 491 -26.80 4.54 9.40
C ASP A 491 -27.58 3.74 8.36
N ARG A 492 -26.87 3.14 7.41
CA ARG A 492 -27.53 2.39 6.34
C ARG A 492 -28.22 1.08 6.74
N PHE A 493 -27.59 0.30 7.61
CA PHE A 493 -28.19 -0.99 7.94
C PHE A 493 -28.63 -1.22 9.37
N TYR A 494 -28.40 -0.25 10.24
CA TYR A 494 -28.80 -0.41 11.63
C TYR A 494 -29.59 0.74 12.23
N LYS A 495 -30.31 1.46 11.36
CA LYS A 495 -31.14 2.59 11.78
C LYS A 495 -30.35 3.56 12.63
N ALA A 496 -29.12 3.84 12.22
CA ALA A 496 -28.25 4.77 12.92
C ALA A 496 -28.05 4.47 14.41
N ASN A 497 -28.30 3.23 14.83
CA ASN A 497 -28.09 2.88 16.23
C ASN A 497 -26.58 2.85 16.53
N ARG A 498 -26.07 3.88 17.20
CA ARG A 498 -24.66 3.96 17.53
C ARG A 498 -24.16 2.89 18.49
N ALA A 499 -23.10 2.19 18.09
CA ALA A 499 -22.53 1.16 18.94
C ALA A 499 -21.02 1.37 19.11
N HIS A 500 -20.66 2.22 20.06
CA HIS A 500 -19.26 2.49 20.36
C HIS A 500 -18.48 3.08 19.18
N THR A 501 -19.13 3.93 18.39
CA THR A 501 -18.43 4.51 17.26
C THR A 501 -18.05 5.98 17.45
N PHE A 502 -18.48 6.56 18.56
CA PHE A 502 -18.16 7.96 18.87
C PHE A 502 -16.82 8.03 19.58
N LEU A 503 -15.88 8.77 19.00
CA LEU A 503 -14.54 8.89 19.57
C LEU A 503 -14.33 10.08 20.51
N GLY A 504 -15.31 10.98 20.59
CA GLY A 504 -15.18 12.16 21.44
C GLY A 504 -15.56 11.87 22.88
N ASP A 505 -15.76 12.93 23.67
CA ASP A 505 -16.12 12.79 25.07
C ASP A 505 -17.60 13.07 25.26
N PRO A 506 -18.36 12.08 25.76
CA PRO A 506 -19.81 12.22 25.99
C PRO A 506 -20.16 13.30 27.01
N ALA A 507 -19.23 13.63 27.88
CA ALA A 507 -19.46 14.65 28.89
C ALA A 507 -19.43 16.07 28.29
N GLN A 508 -18.75 16.22 27.17
CA GLN A 508 -18.65 17.50 26.47
C GLN A 508 -18.85 17.22 24.99
N GLU A 509 -19.98 16.59 24.65
CA GLU A 509 -20.31 16.20 23.28
C GLU A 509 -19.97 17.21 22.18
N ASP A 510 -19.83 18.48 22.52
CA ASP A 510 -19.54 19.50 21.52
C ASP A 510 -18.07 19.91 21.40
N GLU A 511 -17.25 19.48 22.34
CA GLU A 511 -15.82 19.81 22.31
C GLU A 511 -15.05 18.78 21.50
N ILE A 512 -14.19 19.25 20.60
CA ILE A 512 -13.37 18.35 19.79
C ILE A 512 -12.46 17.58 20.76
N PHE A 513 -12.61 16.26 20.81
CA PHE A 513 -11.80 15.44 21.72
C PHE A 513 -11.24 14.20 21.04
N PRO A 514 -9.94 13.93 21.22
CA PRO A 514 -9.00 14.73 22.02
C PRO A 514 -8.54 15.95 21.24
N ASN A 515 -7.64 16.71 21.82
CA ASN A 515 -7.11 17.88 21.15
C ASN A 515 -5.82 17.47 20.46
N MET A 516 -5.95 17.00 19.23
CA MET A 516 -4.81 16.54 18.46
C MET A 516 -3.69 17.58 18.36
N LEU A 517 -4.03 18.85 18.51
CA LEU A 517 -3.02 19.91 18.44
C LEU A 517 -2.00 19.74 19.54
N LEU A 518 -2.48 19.37 20.73
CA LEU A 518 -1.59 19.19 21.87
C LEU A 518 -0.71 17.94 21.73
N PHE A 519 -1.12 17.00 20.88
CA PHE A 519 -0.31 15.80 20.65
C PHE A 519 0.89 16.26 19.85
N ALA A 520 0.63 17.12 18.87
CA ALA A 520 1.70 17.66 18.04
C ALA A 520 2.63 18.49 18.91
N ALA A 521 2.04 19.34 19.75
CA ALA A 521 2.80 20.22 20.62
C ALA A 521 3.74 19.41 21.50
N ALA A 522 3.23 18.32 22.05
CA ALA A 522 4.03 17.45 22.92
C ALA A 522 5.31 16.98 22.21
N CYS A 523 5.24 16.82 20.90
CA CYS A 523 6.40 16.37 20.14
C CYS A 523 7.03 17.50 19.35
N GLY A 524 6.80 18.72 19.80
CA GLY A 524 7.37 19.89 19.16
C GLY A 524 7.06 20.03 17.68
N ILE A 525 5.85 19.66 17.30
CA ILE A 525 5.45 19.75 15.91
C ILE A 525 4.39 20.84 15.77
N PRO A 526 4.67 21.86 14.95
CA PRO A 526 3.73 22.95 14.73
C PRO A 526 2.39 22.43 14.19
N ALA A 527 1.30 22.96 14.73
CA ALA A 527 -0.03 22.52 14.33
C ALA A 527 -1.04 23.65 14.34
N ALA A 528 -2.20 23.39 13.74
CA ALA A 528 -3.28 24.38 13.69
C ALA A 528 -4.58 23.67 13.37
N ARG A 529 -5.68 24.25 13.81
CA ARG A 529 -7.00 23.70 13.55
C ARG A 529 -7.75 24.62 12.58
N VAL A 530 -8.58 24.05 11.73
CA VAL A 530 -9.37 24.84 10.79
C VAL A 530 -10.80 24.28 10.81
N THR A 531 -11.78 25.18 10.93
CA THR A 531 -13.18 24.76 11.00
C THR A 531 -14.07 25.35 9.91
N LYS A 532 -13.69 26.52 9.40
CA LYS A 532 -14.46 27.18 8.35
C LYS A 532 -13.86 26.95 6.97
N LYS A 533 -14.71 26.46 6.06
CA LYS A 533 -14.29 26.18 4.69
C LYS A 533 -13.58 27.35 4.02
N ALA A 534 -13.88 28.57 4.47
CA ALA A 534 -13.26 29.75 3.89
C ALA A 534 -11.79 29.87 4.26
N ASP A 535 -11.45 29.39 5.45
CA ASP A 535 -10.07 29.46 5.94
C ASP A 535 -9.24 28.24 5.57
N LEU A 536 -9.89 27.25 4.94
CA LEU A 536 -9.23 26.01 4.57
C LEU A 536 -8.04 26.14 3.63
N ARG A 537 -8.22 26.80 2.51
CA ARG A 537 -7.16 26.96 1.54
C ARG A 537 -5.87 27.55 2.13
N GLU A 538 -6.01 28.56 2.98
CA GLU A 538 -4.85 29.21 3.57
C GLU A 538 -4.18 28.32 4.61
N ALA A 539 -4.97 27.54 5.33
CA ALA A 539 -4.44 26.65 6.36
C ALA A 539 -3.58 25.57 5.70
N ILE A 540 -4.10 24.97 4.65
CA ILE A 540 -3.36 23.92 3.95
C ILE A 540 -2.08 24.50 3.35
N GLN A 541 -2.18 25.69 2.76
CA GLN A 541 -1.01 26.32 2.16
C GLN A 541 0.05 26.53 3.23
N THR A 542 -0.39 26.96 4.41
CA THR A 542 0.51 27.19 5.53
C THR A 542 1.21 25.90 5.90
N MET A 543 0.43 24.82 6.02
CA MET A 543 0.96 23.51 6.35
C MET A 543 2.08 23.17 5.39
N LEU A 544 1.81 23.32 4.10
CA LEU A 544 2.78 23.01 3.07
C LEU A 544 4.02 23.91 3.10
N ASP A 545 3.82 25.20 3.32
CA ASP A 545 4.95 26.14 3.33
C ASP A 545 5.82 26.08 4.58
N THR A 546 5.20 25.82 5.73
CA THR A 546 5.95 25.74 6.98
C THR A 546 6.94 24.58 6.89
N PRO A 547 8.25 24.89 6.88
CA PRO A 547 9.29 23.85 6.79
C PRO A 547 9.18 22.80 7.90
N GLY A 548 9.44 21.55 7.55
CA GLY A 548 9.38 20.47 8.53
C GLY A 548 8.01 19.85 8.69
N PRO A 549 7.81 19.08 9.77
CA PRO A 549 6.55 18.40 10.08
C PRO A 549 5.46 19.43 10.38
N TYR A 550 4.21 19.04 10.19
CA TYR A 550 3.09 19.94 10.45
C TYR A 550 1.79 19.15 10.52
N LEU A 551 0.95 19.51 11.49
CA LEU A 551 -0.33 18.85 11.65
C LEU A 551 -1.50 19.82 11.52
N LEU A 552 -2.32 19.61 10.49
CA LEU A 552 -3.49 20.45 10.28
C LEU A 552 -4.74 19.65 10.66
N ASP A 553 -5.36 20.03 11.76
CA ASP A 553 -6.57 19.36 12.23
C ASP A 553 -7.77 19.99 11.51
N VAL A 554 -8.38 19.25 10.61
CA VAL A 554 -9.53 19.71 9.82
C VAL A 554 -10.86 19.14 10.35
N ILE A 555 -11.67 19.99 10.95
CA ILE A 555 -12.95 19.54 11.49
C ILE A 555 -14.00 19.38 10.38
N CYS A 556 -14.71 18.25 10.39
CA CYS A 556 -15.69 17.95 9.37
C CYS A 556 -16.98 17.43 10.01
N PRO A 557 -18.12 17.65 9.36
CA PRO A 557 -19.40 17.16 9.90
C PRO A 557 -19.42 15.64 9.72
N HIS A 558 -19.63 14.91 10.81
CA HIS A 558 -19.63 13.45 10.75
C HIS A 558 -20.71 12.74 9.94
N GLN A 559 -21.82 13.41 9.65
CA GLN A 559 -22.88 12.76 8.90
C GLN A 559 -22.57 12.53 7.42
N GLU A 560 -21.34 12.82 7.00
CA GLU A 560 -20.95 12.60 5.61
C GLU A 560 -20.93 11.09 5.29
N HIS A 561 -21.30 10.74 4.07
CA HIS A 561 -21.29 9.35 3.63
C HIS A 561 -20.47 9.20 2.36
N VAL A 562 -19.75 8.09 2.25
CA VAL A 562 -18.96 7.84 1.04
C VAL A 562 -19.90 7.27 -0.01
N LEU A 563 -19.88 7.88 -1.18
CA LEU A 563 -20.72 7.43 -2.29
C LEU A 563 -19.89 7.52 -3.55
N PRO A 564 -20.27 6.77 -4.60
CA PRO A 564 -21.42 5.86 -4.58
C PRO A 564 -21.08 4.63 -3.78
N MET A 565 -22.03 3.70 -3.67
CA MET A 565 -21.77 2.49 -2.90
C MET A 565 -22.55 1.26 -3.31
N ILE A 566 -21.82 0.20 -3.63
CA ILE A 566 -22.44 -1.07 -3.99
C ILE A 566 -22.30 -1.95 -2.75
N PRO A 567 -23.42 -2.30 -2.10
CA PRO A 567 -23.33 -3.15 -0.92
C PRO A 567 -22.64 -4.48 -1.21
N SER A 568 -22.09 -5.10 -0.18
CA SER A 568 -21.38 -6.38 -0.32
C SER A 568 -22.16 -7.44 -1.06
N GLY A 569 -21.51 -8.09 -2.02
CA GLY A 569 -22.16 -9.15 -2.78
C GLY A 569 -23.25 -8.59 -3.67
N GLY A 570 -23.19 -7.29 -3.92
CA GLY A 570 -24.19 -6.65 -4.75
C GLY A 570 -23.85 -6.62 -6.22
N THR A 571 -24.77 -6.03 -6.98
CA THR A 571 -24.63 -5.88 -8.42
C THR A 571 -24.59 -4.40 -8.73
N PHE A 572 -24.18 -4.05 -9.94
CA PHE A 572 -24.13 -2.66 -10.36
C PHE A 572 -25.51 -2.02 -10.21
N ASN A 573 -26.55 -2.86 -10.24
CA ASN A 573 -27.92 -2.39 -10.13
C ASN A 573 -28.36 -2.13 -8.70
N ASP A 574 -27.47 -2.36 -7.74
CA ASP A 574 -27.78 -2.13 -6.34
C ASP A 574 -27.03 -0.93 -5.83
N VAL A 575 -26.26 -0.30 -6.71
CA VAL A 575 -25.47 0.85 -6.34
C VAL A 575 -26.30 1.96 -5.70
N ILE A 576 -25.81 2.47 -4.58
CA ILE A 576 -26.46 3.55 -3.86
C ILE A 576 -25.78 4.84 -4.31
N THR A 577 -26.57 5.81 -4.75
CA THR A 577 -25.99 7.07 -5.24
C THR A 577 -26.28 8.29 -4.40
N GLU A 578 -27.14 8.17 -3.40
CA GLU A 578 -27.45 9.33 -2.56
C GLU A 578 -27.80 9.00 -1.13
N GLY A 579 -27.60 9.98 -0.27
CA GLY A 579 -27.91 9.81 1.14
C GLY A 579 -26.73 10.02 2.08
N ASP A 580 -27.05 10.30 3.33
CA ASP A 580 -26.04 10.51 4.37
C ASP A 580 -26.71 10.26 5.72
N GLY A 581 -26.10 10.77 6.80
CA GLY A 581 -26.67 10.56 8.11
C GLY A 581 -27.39 11.75 8.70
N ARG A 582 -27.98 12.59 7.85
CA ARG A 582 -28.70 13.77 8.31
C ARG A 582 -30.22 13.58 8.24
MG MG B . -12.99 9.42 11.92
C1 CIE C . -16.67 -9.50 4.59
C2 CIE C . -17.97 -9.50 3.84
C3 CIE C . -18.04 -9.97 2.41
C4 CIE C . -16.82 -10.46 1.74
C5 CIE C . -15.50 -10.49 2.44
C6 CIE C . -15.43 -10.02 3.87
C7 CIE C . -16.57 -9.05 5.97
O7 CIE C . -17.08 -9.76 6.92
O8 CIE C . -15.91 -7.82 6.18
C9 CIE C . -15.69 -7.19 7.33
C10 CIE C . -14.95 -5.89 7.17
S11 CIE C . -19.46 -8.93 4.52
OBA CIE C . -20.39 -8.51 3.38
OBB CIE C . -20.15 -10.01 5.47
N12 CIE C . -19.32 -7.56 5.50
C13 CIE C . -18.74 -6.41 5.09
O13 CIE C . -18.24 -6.35 3.91
N14 CIE C . -18.71 -5.39 5.98
N1' CIE C . -17.51 -3.79 4.72
C2' CIE C . -18.16 -4.15 5.86
N3' CIE C . -18.29 -3.28 6.96
C4' CIE C . -17.71 -1.97 6.89
CL4' CIE C . -17.86 -1.03 8.11
C5' CIE C . -16.98 -1.50 5.67
C6' CIE C . -16.94 -2.58 4.56
O7' CIE C . -16.33 -2.38 3.36
C8' CIE C . -15.64 -1.25 2.93
C3' NHE D . 6.83 -21.13 -0.02
C2' NHE D . 8.07 -21.88 0.61
C1' NHE D . 9.30 -21.87 -0.36
C6' NHE D . 9.66 -20.39 -0.74
N NHE D . 10.45 -22.58 0.29
C1 NHE D . 11.74 -22.69 -0.42
C2 NHE D . 11.97 -24.07 -0.98
S NHE D . 11.88 -24.37 -2.66
O1 NHE D . 12.24 -23.22 -3.48
O2 NHE D . 12.79 -25.53 -2.91
O3 NHE D . 10.48 -24.85 -2.93
C5' NHE D . 8.44 -19.66 -1.40
C4' NHE D . 7.21 -19.67 -0.44
PA FAD E . -3.37 -6.35 -5.21
O1A FAD E . -2.11 -5.62 -4.95
O2A FAD E . -4.20 -6.83 -4.15
O5B FAD E . -3.17 -7.55 -6.09
C5B FAD E . -2.26 -7.44 -7.25
C4B FAD E . -2.31 -8.71 -8.03
O4B FAD E . -1.39 -8.51 -9.09
C3B FAD E . -1.95 -10.14 -7.44
O3B FAD E . -2.79 -11.20 -7.84
C2B FAD E . -0.50 -10.22 -7.78
O2B FAD E . 0.22 -11.35 -7.52
C1B FAD E . -0.54 -9.63 -9.20
N9A FAD E . 0.78 -9.07 -9.76
C8A FAD E . 1.79 -8.48 -8.88
N7A FAD E . 2.87 -8.04 -9.47
C5A FAD E . 2.68 -8.32 -10.78
C6A FAD E . 3.44 -8.14 -12.13
N6A FAD E . 4.61 -7.56 -12.18
N1A FAD E . 2.83 -8.60 -13.37
C2A FAD E . 1.52 -9.24 -13.38
N3A FAD E . 0.77 -9.44 -12.23
C4A FAD E . 1.36 -8.98 -10.96
N1 FAD E . -10.72 -1.66 -3.79
C2 FAD E . -11.33 -1.26 -4.91
O2 FAD E . -10.74 -1.44 -5.98
N3 FAD E . -12.57 -0.57 -4.87
C4 FAD E . -13.20 -0.23 -3.64
O4 FAD E . -14.32 0.28 -3.60
C4X FAD E . -12.47 -0.58 -2.42
N5 FAD E . -12.99 -0.21 -1.19
C5X FAD E . -12.27 -0.52 -0.05
C6 FAD E . -12.73 0.02 1.19
C7 FAD E . -11.95 -0.10 2.37
C7M FAD E . -12.39 0.65 3.60
C8 FAD E . -10.68 -0.83 2.32
C8M FAD E . -9.73 -0.91 3.50
C9 FAD E . -10.27 -1.45 1.11
C9A FAD E . -11.00 -1.27 -0.11
N10 FAD E . -10.56 -1.76 -1.37
C10 FAD E . -11.22 -1.35 -2.55
C1' FAD E . -9.19 -2.38 -1.50
C2' FAD E . -9.44 -3.82 -1.63
O2' FAD E . -9.59 -4.47 -0.36
C3' FAD E . -8.33 -4.62 -2.33
O3' FAD E . -7.07 -4.33 -1.52
C4' FAD E . -7.97 -4.17 -3.78
O4' FAD E . -9.28 -4.21 -4.56
C5' FAD E . -7.00 -5.11 -4.36
O5' FAD E . -6.72 -4.65 -5.73
P FAD E . -5.73 -5.40 -6.66
O1P FAD E . -6.26 -6.78 -6.78
O2P FAD E . -5.72 -4.68 -7.88
O3P FAD E . -4.25 -5.32 -6.06
C6 P22 F . -13.13 3.05 10.80
C7 P22 F . -12.17 4.28 10.93
O7 P22 F . -12.07 5.46 11.76
PA P22 F . -11.34 6.83 11.30
O1A P22 F . -11.74 7.90 12.18
O2A P22 F . -9.92 6.73 11.37
O3A P22 F . -11.76 7.30 9.84
PB P22 F . -13.10 7.61 9.05
O1B P22 F . -13.69 6.33 8.63
O2B P22 F . -12.61 8.46 7.99
O3B P22 F . -13.87 8.35 10.06
#